data_3G6N
#
_entry.id   3G6N
#
_cell.length_a   148.688
_cell.length_b   148.688
_cell.length_c   141.902
_cell.angle_alpha   90.00
_cell.angle_beta   90.00
_cell.angle_gamma   120.00
#
_symmetry.space_group_name_H-M   'P 64 2 2'
#
loop_
_entity.id
_entity.type
_entity.pdbx_description
1 polymer 'Peptide deformylase'
2 polymer 'peptide (Met)(Ala)(Ser)'
3 non-polymer 'FE (III) ION'
4 non-polymer 'SODIUM ION'
5 water water
#
loop_
_entity_poly.entity_id
_entity_poly.type
_entity_poly.pdbx_seq_one_letter_code
_entity_poly.pdbx_strand_id
1 'polypeptide(L)'
;GSHMMITMDDIIREGNPTLREVAKEVSLPLSEEDISLGKEMLEFLKNSQDPIKAEELHLRGGVGLAAPQLDISKRIIAVH
VPSPDPEADGPSLSTVMYNPKILSHSVQDACLGEGEGCLSVDREVPGYVVRHAKITVSYYDMNGEKHKIRLKNYESIVVQ
HEIDHINGVMFYDHINDQNPFALKEGVLVIE
;
A,B
2 'polypeptide(L)' MAS F,G
#
loop_
_chem_comp.id
_chem_comp.type
_chem_comp.name
_chem_comp.formula
FE non-polymer 'FE (III) ION' 'Fe 3'
NA non-polymer 'SODIUM ION' 'Na 1'
#
# COMPACT_ATOMS: atom_id res chain seq x y z
N GLY A 1 3.93 -40.87 -26.30
CA GLY A 1 3.27 -40.27 -25.10
C GLY A 1 2.16 -39.31 -25.49
N SER A 2 1.18 -39.14 -24.63
CA SER A 2 0.17 -38.16 -24.91
C SER A 2 -0.36 -37.33 -23.76
N HIS A 3 -0.98 -36.22 -24.10
CA HIS A 3 -1.52 -35.27 -23.14
C HIS A 3 -2.36 -34.21 -23.85
N MET A 4 -3.27 -33.59 -23.11
CA MET A 4 -4.11 -32.53 -23.64
C MET A 4 -3.43 -31.20 -23.32
N MET A 5 -3.88 -30.14 -23.99
CA MET A 5 -3.32 -28.82 -23.74
C MET A 5 -4.47 -27.89 -23.38
N ILE A 6 -4.32 -27.16 -22.30
CA ILE A 6 -5.39 -26.24 -21.89
C ILE A 6 -5.32 -25.05 -22.81
N THR A 7 -6.47 -24.67 -23.34
CA THR A 7 -6.57 -23.53 -24.23
C THR A 7 -7.46 -22.50 -23.52
N MET A 8 -7.37 -21.23 -23.90
CA MET A 8 -8.19 -20.21 -23.25
C MET A 8 -9.67 -20.52 -23.25
N ASP A 9 -10.12 -21.29 -24.23
CA ASP A 9 -11.54 -21.64 -24.32
C ASP A 9 -11.96 -22.71 -23.32
N ASP A 10 -10.99 -23.38 -22.71
CA ASP A 10 -11.28 -24.43 -21.73
C ASP A 10 -11.55 -23.78 -20.39
N ILE A 11 -11.17 -22.50 -20.27
CA ILE A 11 -11.35 -21.75 -19.03
C ILE A 11 -12.71 -21.06 -19.00
N ILE A 12 -13.58 -21.52 -18.11
CA ILE A 12 -14.92 -20.95 -18.00
C ILE A 12 -14.89 -19.53 -17.44
N ARG A 13 -15.96 -18.77 -17.71
CA ARG A 13 -16.05 -17.39 -17.27
C ARG A 13 -17.06 -17.13 -16.17
N GLU A 14 -16.85 -16.06 -15.44
CA GLU A 14 -17.75 -15.66 -14.37
C GLU A 14 -19.18 -15.76 -14.91
N GLY A 15 -20.06 -16.37 -14.12
CA GLY A 15 -21.43 -16.52 -14.56
C GLY A 15 -21.74 -18.00 -14.65
N ASN A 16 -20.71 -18.79 -14.93
CA ASN A 16 -20.86 -20.24 -15.01
C ASN A 16 -20.96 -20.70 -13.56
N PRO A 17 -22.08 -21.35 -13.20
CA PRO A 17 -22.31 -21.84 -11.83
C PRO A 17 -21.24 -22.73 -11.21
N THR A 18 -20.48 -23.43 -12.04
CA THR A 18 -19.43 -24.29 -11.49
C THR A 18 -18.46 -23.49 -10.64
N LEU A 19 -18.28 -22.22 -10.97
CA LEU A 19 -17.38 -21.35 -10.23
C LEU A 19 -17.85 -21.03 -8.82
N ARG A 20 -19.14 -21.31 -8.56
CA ARG A 20 -19.71 -21.03 -7.25
C ARG A 20 -19.91 -22.27 -6.38
N GLU A 21 -19.56 -23.44 -6.90
CA GLU A 21 -19.71 -24.69 -6.16
C GLU A 21 -18.49 -25.02 -5.31
N VAL A 22 -18.72 -25.68 -4.19
CA VAL A 22 -17.62 -26.11 -3.33
C VAL A 22 -17.09 -27.37 -4.03
N ALA A 23 -15.83 -27.34 -4.47
CA ALA A 23 -15.25 -28.48 -5.17
C ALA A 23 -15.17 -29.74 -4.30
N LYS A 24 -15.06 -30.88 -4.96
CA LYS A 24 -14.99 -32.17 -4.28
C LYS A 24 -13.57 -32.60 -3.91
N GLU A 25 -13.47 -33.18 -2.72
CA GLU A 25 -12.22 -33.68 -2.18
C GLU A 25 -11.81 -34.84 -3.11
N VAL A 26 -10.53 -34.94 -3.46
CA VAL A 26 -10.09 -36.03 -4.33
C VAL A 26 -9.58 -37.22 -3.53
N SER A 27 -9.70 -38.40 -4.12
CA SER A 27 -9.27 -39.64 -3.50
C SER A 27 -7.79 -39.94 -3.65
N LEU A 28 -7.25 -40.61 -2.63
CA LEU A 28 -5.88 -41.03 -2.64
C LEU A 28 -5.91 -42.55 -2.53
N PRO A 29 -4.98 -43.23 -3.23
CA PRO A 29 -3.95 -42.63 -4.10
C PRO A 29 -4.55 -41.96 -5.32
N LEU A 30 -3.88 -40.94 -5.84
CA LEU A 30 -4.36 -40.20 -7.00
C LEU A 30 -4.56 -41.03 -8.26
N SER A 31 -5.69 -40.80 -8.95
CA SER A 31 -5.96 -41.50 -10.21
C SER A 31 -5.02 -40.87 -11.23
N GLU A 32 -4.95 -41.43 -12.42
CA GLU A 32 -4.12 -40.86 -13.42
C GLU A 32 -4.81 -39.73 -14.08
N GLU A 33 -6.11 -39.72 -13.97
CA GLU A 33 -6.91 -38.66 -14.56
C GLU A 33 -6.56 -37.39 -13.78
N ASP A 34 -6.47 -37.52 -12.46
CA ASP A 34 -6.16 -36.40 -11.58
C ASP A 34 -4.71 -35.96 -11.69
N ILE A 35 -3.80 -36.91 -11.88
CA ILE A 35 -2.39 -36.59 -12.02
C ILE A 35 -2.18 -35.85 -13.34
N SER A 36 -2.84 -36.33 -14.40
CA SER A 36 -2.71 -35.71 -15.72
C SER A 36 -3.30 -34.31 -15.73
N LEU A 37 -4.41 -34.13 -15.02
CA LEU A 37 -5.04 -32.82 -14.98
C LEU A 37 -4.09 -31.81 -14.34
N GLY A 38 -3.38 -32.25 -13.31
CA GLY A 38 -2.44 -31.38 -12.64
C GLY A 38 -1.31 -30.95 -13.56
N LYS A 39 -0.70 -31.92 -14.24
CA LYS A 39 0.40 -31.64 -15.16
C LYS A 39 -0.06 -30.68 -16.25
N GLU A 40 -1.33 -30.82 -16.62
CA GLU A 40 -1.95 -29.99 -17.66
C GLU A 40 -2.12 -28.56 -17.13
N MET A 41 -2.55 -28.45 -15.88
CA MET A 41 -2.74 -27.14 -15.27
C MET A 41 -1.39 -26.42 -15.10
N LEU A 42 -0.35 -27.17 -14.71
CA LEU A 42 0.96 -26.57 -14.54
C LEU A 42 1.62 -26.24 -15.89
N GLU A 43 1.44 -27.06 -16.92
CA GLU A 43 2.03 -26.75 -18.23
C GLU A 43 1.44 -25.44 -18.75
N PHE A 44 0.16 -25.22 -18.46
CA PHE A 44 -0.53 -24.02 -18.89
C PHE A 44 0.12 -22.76 -18.32
N LEU A 45 0.22 -22.68 -17.00
CA LEU A 45 0.80 -21.53 -16.33
C LEU A 45 2.19 -21.20 -16.86
N LYS A 46 3.03 -22.22 -16.99
CA LYS A 46 4.37 -22.02 -17.51
C LYS A 46 4.30 -21.51 -18.95
N ASN A 47 3.45 -22.12 -19.75
CA ASN A 47 3.34 -21.71 -21.14
C ASN A 47 2.82 -20.29 -21.29
N SER A 48 1.90 -19.90 -20.41
CA SER A 48 1.30 -18.56 -20.45
C SER A 48 2.29 -17.47 -20.04
N GLN A 49 3.38 -17.88 -19.40
CA GLN A 49 4.42 -16.96 -18.93
C GLN A 49 5.65 -16.93 -19.84
N ASP A 50 5.59 -17.64 -20.96
CA ASP A 50 6.70 -17.64 -21.90
C ASP A 50 6.23 -16.84 -23.10
N PRO A 51 6.88 -15.71 -23.38
CA PRO A 51 6.49 -14.87 -24.52
C PRO A 51 6.22 -15.63 -25.81
N ILE A 52 7.23 -16.33 -26.32
CA ILE A 52 7.06 -17.06 -27.57
C ILE A 52 5.88 -18.02 -27.53
N LYS A 53 5.85 -18.88 -26.51
CA LYS A 53 4.77 -19.85 -26.38
C LYS A 53 3.40 -19.23 -26.17
N ALA A 54 3.29 -18.38 -25.15
CA ALA A 54 2.03 -17.71 -24.85
C ALA A 54 1.46 -17.06 -26.10
N GLU A 55 2.31 -16.45 -26.90
CA GLU A 55 1.87 -15.79 -28.13
C GLU A 55 1.36 -16.76 -29.19
N GLU A 56 2.14 -17.78 -29.49
CA GLU A 56 1.74 -18.78 -30.48
C GLU A 56 0.52 -19.58 -30.03
N LEU A 57 0.40 -19.82 -28.73
CA LEU A 57 -0.73 -20.58 -28.21
C LEU A 57 -1.87 -19.67 -27.79
N HIS A 58 -1.71 -18.38 -28.07
CA HIS A 58 -2.72 -17.38 -27.72
C HIS A 58 -3.23 -17.59 -26.29
N LEU A 59 -2.32 -17.41 -25.34
CA LEU A 59 -2.66 -17.58 -23.93
C LEU A 59 -2.48 -16.29 -23.13
N ARG A 60 -3.34 -16.09 -22.14
CA ARG A 60 -3.27 -14.92 -21.27
C ARG A 60 -2.49 -15.34 -20.03
N GLY A 61 -1.43 -14.61 -19.71
CA GLY A 61 -0.61 -14.95 -18.56
C GLY A 61 -1.33 -15.15 -17.25
N GLY A 62 -0.90 -16.16 -16.49
CA GLY A 62 -1.49 -16.44 -15.19
C GLY A 62 -0.44 -17.04 -14.26
N VAL A 63 -0.65 -16.93 -12.95
CA VAL A 63 0.30 -17.50 -11.98
C VAL A 63 -0.34 -18.61 -11.14
N GLY A 64 -1.65 -18.77 -11.27
CA GLY A 64 -2.35 -19.78 -10.52
C GLY A 64 -3.58 -20.23 -11.28
N LEU A 65 -4.00 -21.47 -11.05
CA LEU A 65 -5.19 -21.98 -11.73
C LEU A 65 -5.86 -23.01 -10.83
N ALA A 66 -7.18 -23.06 -10.89
CA ALA A 66 -7.92 -24.01 -10.08
C ALA A 66 -8.79 -24.82 -11.03
N ALA A 67 -8.95 -26.11 -10.71
CA ALA A 67 -9.74 -27.03 -11.55
C ALA A 67 -11.14 -26.50 -11.87
N PRO A 68 -11.81 -25.86 -10.89
CA PRO A 68 -13.14 -25.35 -11.18
C PRO A 68 -13.14 -24.39 -12.37
N GLN A 69 -12.02 -23.69 -12.60
CA GLN A 69 -11.94 -22.77 -13.72
C GLN A 69 -11.95 -23.53 -15.04
N LEU A 70 -11.66 -24.83 -14.96
CA LEU A 70 -11.68 -25.69 -16.14
C LEU A 70 -13.00 -26.46 -16.16
N ASP A 71 -13.91 -26.06 -15.29
CA ASP A 71 -15.23 -26.69 -15.18
C ASP A 71 -15.17 -28.09 -14.57
N ILE A 72 -14.14 -28.33 -13.76
CA ILE A 72 -13.95 -29.61 -13.07
C ILE A 72 -13.98 -29.34 -11.57
N SER A 73 -15.13 -29.64 -10.96
CA SER A 73 -15.34 -29.39 -9.54
C SER A 73 -14.54 -30.27 -8.59
N LYS A 74 -13.21 -30.17 -8.69
CA LYS A 74 -12.31 -30.95 -7.84
C LYS A 74 -11.31 -30.03 -7.13
N ARG A 75 -10.93 -30.42 -5.92
CA ARG A 75 -9.99 -29.62 -5.13
C ARG A 75 -8.54 -29.80 -5.57
N ILE A 76 -8.23 -29.25 -6.75
CA ILE A 76 -6.89 -29.31 -7.31
C ILE A 76 -6.53 -27.89 -7.75
N ILE A 77 -5.35 -27.43 -7.39
CA ILE A 77 -4.92 -26.10 -7.82
C ILE A 77 -3.47 -26.18 -8.25
N ALA A 78 -3.06 -25.26 -9.09
CA ALA A 78 -1.69 -25.23 -9.55
C ALA A 78 -1.21 -23.79 -9.44
N VAL A 79 0.08 -23.64 -9.10
CA VAL A 79 0.67 -22.33 -9.01
C VAL A 79 2.07 -22.35 -9.58
N HIS A 80 2.38 -21.30 -10.31
CA HIS A 80 3.69 -21.14 -10.90
C HIS A 80 4.01 -19.65 -10.72
N VAL A 81 4.45 -19.33 -9.52
CA VAL A 81 4.80 -17.95 -9.19
C VAL A 81 6.24 -17.78 -9.67
N PRO A 82 6.46 -16.83 -10.59
CA PRO A 82 7.80 -16.57 -11.17
C PRO A 82 9.00 -16.21 -10.28
N SER A 83 9.26 -16.99 -9.23
CA SER A 83 10.40 -16.76 -8.31
C SER A 83 10.17 -15.47 -7.53
N SER A 92 10.29 -18.71 -5.24
CA SER A 92 9.83 -19.53 -6.35
C SER A 92 8.95 -20.68 -5.88
N LEU A 93 7.74 -20.76 -6.42
CA LEU A 93 6.78 -21.80 -6.09
C LEU A 93 6.18 -22.29 -7.39
N SER A 94 6.38 -23.58 -7.67
CA SER A 94 5.84 -24.18 -8.88
C SER A 94 5.42 -25.61 -8.55
N THR A 95 4.13 -25.81 -8.35
CA THR A 95 3.66 -27.14 -8.00
C THR A 95 2.16 -27.27 -8.16
N VAL A 96 1.67 -28.49 -8.09
CA VAL A 96 0.24 -28.73 -8.17
C VAL A 96 -0.08 -29.19 -6.75
N MET A 97 -1.20 -28.73 -6.20
CA MET A 97 -1.59 -29.09 -4.84
C MET A 97 -2.94 -29.80 -4.85
N TYR A 98 -2.97 -31.02 -4.33
CA TYR A 98 -4.22 -31.78 -4.27
C TYR A 98 -4.77 -31.64 -2.86
N ASN A 99 -6.06 -31.35 -2.77
CA ASN A 99 -6.73 -31.16 -1.49
C ASN A 99 -5.96 -30.20 -0.59
N PRO A 100 -5.68 -28.99 -1.09
CA PRO A 100 -4.94 -28.01 -0.28
C PRO A 100 -5.80 -27.53 0.88
N LYS A 101 -5.15 -27.10 1.96
CA LYS A 101 -5.87 -26.65 3.14
C LYS A 101 -4.96 -25.75 3.99
N ILE A 102 -5.47 -24.59 4.35
CA ILE A 102 -4.72 -23.64 5.16
C ILE A 102 -4.89 -24.00 6.63
N LEU A 103 -3.76 -24.29 7.29
CA LEU A 103 -3.76 -24.68 8.69
C LEU A 103 -3.69 -23.50 9.66
N SER A 104 -2.90 -22.50 9.33
CA SER A 104 -2.79 -21.32 10.18
C SER A 104 -2.46 -20.11 9.33
N HIS A 105 -2.49 -18.94 9.94
CA HIS A 105 -2.16 -17.71 9.23
C HIS A 105 -1.74 -16.61 10.20
N SER A 106 -1.07 -15.60 9.66
CA SER A 106 -0.59 -14.46 10.43
C SER A 106 -1.72 -13.48 10.74
N VAL A 107 -1.48 -12.61 11.72
CA VAL A 107 -2.44 -11.57 12.08
C VAL A 107 -2.27 -10.50 11.00
N GLN A 108 -1.02 -10.22 10.69
CA GLN A 108 -0.66 -9.24 9.68
C GLN A 108 -1.39 -9.52 8.38
N ASP A 109 -1.94 -8.49 7.76
CA ASP A 109 -2.66 -8.63 6.49
C ASP A 109 -1.88 -8.02 5.33
N ALA A 110 -2.24 -8.40 4.10
CA ALA A 110 -1.58 -7.87 2.93
C ALA A 110 -2.50 -7.86 1.73
N CYS A 111 -2.09 -7.18 0.67
CA CYS A 111 -2.90 -7.13 -0.55
C CYS A 111 -2.04 -6.73 -1.73
N LEU A 112 -2.52 -7.07 -2.93
CA LEU A 112 -1.80 -6.71 -4.15
C LEU A 112 -2.25 -5.31 -4.55
N GLY A 113 -1.32 -4.35 -4.53
CA GLY A 113 -1.64 -2.99 -4.89
C GLY A 113 -2.21 -2.82 -6.29
N GLU A 114 -1.82 -3.70 -7.20
CA GLU A 114 -2.30 -3.62 -8.57
C GLU A 114 -3.61 -4.37 -8.73
N GLY A 115 -4.03 -5.05 -7.68
CA GLY A 115 -5.27 -5.81 -7.73
C GLY A 115 -5.03 -7.21 -8.26
N GLU A 116 -5.92 -8.13 -7.90
CA GLU A 116 -5.80 -9.52 -8.33
C GLU A 116 -6.43 -9.82 -9.66
N GLY A 117 -5.71 -10.56 -10.49
CA GLY A 117 -6.25 -10.94 -11.78
C GLY A 117 -6.95 -12.29 -11.66
N CYS A 118 -7.69 -12.67 -12.70
CA CYS A 118 -8.40 -13.94 -12.69
C CYS A 118 -8.79 -14.25 -14.13
N LEU A 119 -8.17 -15.29 -14.69
CA LEU A 119 -8.45 -15.71 -16.06
C LEU A 119 -9.94 -15.96 -16.30
N SER A 120 -10.71 -16.10 -15.22
CA SER A 120 -12.15 -16.36 -15.35
C SER A 120 -13.05 -15.13 -15.41
N VAL A 121 -12.53 -13.98 -15.00
CA VAL A 121 -13.32 -12.76 -15.03
C VAL A 121 -12.69 -11.79 -16.04
N ASP A 122 -13.46 -11.42 -17.06
CA ASP A 122 -12.99 -10.52 -18.11
C ASP A 122 -13.17 -9.03 -17.82
N ARG A 123 -14.12 -8.70 -16.96
CA ARG A 123 -14.36 -7.31 -16.61
C ARG A 123 -13.25 -6.86 -15.66
N GLU A 124 -13.06 -5.55 -15.56
CA GLU A 124 -12.05 -4.99 -14.66
C GLU A 124 -12.80 -4.67 -13.37
N VAL A 125 -12.25 -5.06 -12.22
CA VAL A 125 -12.91 -4.83 -10.94
C VAL A 125 -12.02 -4.04 -9.98
N PRO A 126 -12.31 -2.74 -9.79
CA PRO A 126 -11.52 -1.89 -8.89
C PRO A 126 -11.57 -2.30 -7.41
N GLY A 127 -10.50 -2.00 -6.69
CA GLY A 127 -10.45 -2.31 -5.28
C GLY A 127 -9.23 -3.10 -4.84
N TYR A 128 -9.13 -3.30 -3.54
CA TYR A 128 -8.05 -4.06 -2.93
C TYR A 128 -8.68 -5.30 -2.29
N VAL A 129 -7.98 -6.43 -2.35
CA VAL A 129 -8.51 -7.64 -1.72
C VAL A 129 -7.56 -7.91 -0.57
N VAL A 130 -8.08 -7.77 0.64
CA VAL A 130 -7.27 -8.00 1.84
C VAL A 130 -7.14 -9.48 2.11
N ARG A 131 -5.91 -9.92 2.35
CA ARG A 131 -5.64 -11.34 2.64
C ARG A 131 -4.65 -11.48 3.79
N HIS A 132 -4.39 -12.72 4.19
CA HIS A 132 -3.43 -12.99 5.26
C HIS A 132 -2.04 -12.87 4.65
N ALA A 133 -1.16 -12.10 5.29
CA ALA A 133 0.18 -11.92 4.78
C ALA A 133 0.90 -13.26 4.73
N LYS A 134 0.74 -14.05 5.79
CA LYS A 134 1.36 -15.36 5.88
C LYS A 134 0.37 -16.49 6.14
N ILE A 135 0.67 -17.66 5.58
CA ILE A 135 -0.18 -18.82 5.75
C ILE A 135 0.67 -20.08 5.78
N THR A 136 0.07 -21.15 6.29
CA THR A 136 0.72 -22.44 6.36
C THR A 136 -0.27 -23.35 5.62
N VAL A 137 0.20 -23.94 4.52
CA VAL A 137 -0.64 -24.81 3.70
C VAL A 137 -0.19 -26.27 3.71
N SER A 138 -1.17 -27.17 3.77
CA SER A 138 -0.92 -28.60 3.76
C SER A 138 -1.61 -29.17 2.51
N TYR A 139 -0.91 -30.02 1.77
CA TYR A 139 -1.49 -30.59 0.55
C TYR A 139 -0.75 -31.85 0.11
N TYR A 140 -1.22 -32.47 -0.97
CA TYR A 140 -0.58 -33.66 -1.52
C TYR A 140 -0.07 -33.36 -2.94
N ASP A 141 1.14 -33.80 -3.24
CA ASP A 141 1.71 -33.60 -4.58
C ASP A 141 1.31 -34.77 -5.48
N MET A 142 1.80 -34.75 -6.72
CA MET A 142 1.48 -35.80 -7.68
C MET A 142 2.01 -37.18 -7.31
N ASN A 143 3.05 -37.22 -6.50
CA ASN A 143 3.60 -38.45 -6.02
C ASN A 143 2.92 -38.98 -4.82
N GLY A 144 1.96 -38.28 -4.30
CA GLY A 144 1.28 -38.74 -3.11
C GLY A 144 1.89 -38.23 -1.83
N GLU A 145 3.06 -37.59 -1.91
CA GLU A 145 3.70 -37.05 -0.72
C GLU A 145 2.88 -35.91 -0.14
N LYS A 146 2.84 -35.85 1.20
CA LYS A 146 2.09 -34.79 1.87
C LYS A 146 3.08 -33.68 2.21
N HIS A 147 2.62 -32.44 2.17
CA HIS A 147 3.49 -31.29 2.46
C HIS A 147 2.84 -30.27 3.36
N LYS A 148 3.68 -29.50 4.04
CA LYS A 148 3.19 -28.44 4.90
C LYS A 148 4.25 -27.35 4.70
N ILE A 149 3.84 -26.26 4.05
CA ILE A 149 4.77 -25.18 3.76
C ILE A 149 4.27 -23.83 4.26
N ARG A 150 5.20 -22.97 4.65
CA ARG A 150 4.84 -21.64 5.11
C ARG A 150 5.06 -20.73 3.91
N LEU A 151 4.06 -19.91 3.62
CA LEU A 151 4.13 -19.00 2.49
C LEU A 151 3.84 -17.58 2.95
N LYS A 152 4.23 -16.59 2.14
CA LYS A 152 3.99 -15.21 2.49
C LYS A 152 3.90 -14.29 1.28
N ASN A 153 3.31 -13.12 1.51
CA ASN A 153 3.18 -12.09 0.49
C ASN A 153 2.55 -12.52 -0.83
N TYR A 154 3.23 -12.33 -1.95
CA TYR A 154 2.64 -12.69 -3.24
C TYR A 154 2.19 -14.15 -3.30
N GLU A 155 3.09 -15.07 -2.98
CA GLU A 155 2.74 -16.49 -3.02
C GLU A 155 1.59 -16.84 -2.09
N SER A 156 1.54 -16.20 -0.92
CA SER A 156 0.45 -16.45 0.02
C SER A 156 -0.86 -15.98 -0.60
N ILE A 157 -0.79 -14.83 -1.27
CA ILE A 157 -1.97 -14.29 -1.89
C ILE A 157 -2.45 -15.18 -3.03
N VAL A 158 -1.51 -15.64 -3.86
CA VAL A 158 -1.88 -16.50 -4.98
C VAL A 158 -2.60 -17.76 -4.48
N VAL A 159 -1.97 -18.48 -3.55
CA VAL A 159 -2.58 -19.70 -3.02
C VAL A 159 -3.94 -19.42 -2.41
N GLN A 160 -4.06 -18.29 -1.72
CA GLN A 160 -5.34 -17.94 -1.10
C GLN A 160 -6.39 -17.67 -2.17
N HIS A 161 -5.97 -17.06 -3.27
CA HIS A 161 -6.89 -16.80 -4.35
C HIS A 161 -7.35 -18.13 -4.99
N GLU A 162 -6.43 -19.06 -5.14
CA GLU A 162 -6.76 -20.35 -5.73
C GLU A 162 -7.62 -21.23 -4.83
N ILE A 163 -7.31 -21.28 -3.54
CA ILE A 163 -8.11 -22.10 -2.64
C ILE A 163 -9.53 -21.53 -2.56
N ASP A 164 -9.67 -20.22 -2.67
CA ASP A 164 -11.00 -19.61 -2.65
C ASP A 164 -11.82 -20.24 -3.79
N HIS A 165 -11.16 -20.48 -4.91
CA HIS A 165 -11.82 -21.08 -6.07
C HIS A 165 -12.41 -22.45 -5.76
N ILE A 166 -11.68 -23.31 -5.05
CA ILE A 166 -12.24 -24.64 -4.75
C ILE A 166 -13.35 -24.56 -3.70
N ASN A 167 -13.58 -23.38 -3.16
CA ASN A 167 -14.65 -23.16 -2.17
C ASN A 167 -15.74 -22.27 -2.77
N GLY A 168 -15.67 -22.07 -4.08
CA GLY A 168 -16.68 -21.27 -4.78
C GLY A 168 -16.65 -19.76 -4.53
N VAL A 169 -15.49 -19.24 -4.18
CA VAL A 169 -15.35 -17.83 -3.88
C VAL A 169 -14.50 -17.07 -4.92
N MET A 170 -15.03 -15.97 -5.43
CA MET A 170 -14.32 -15.13 -6.41
C MET A 170 -13.64 -13.99 -5.69
N PHE A 171 -12.55 -13.46 -6.24
CA PHE A 171 -11.82 -12.40 -5.55
C PHE A 171 -12.63 -11.14 -5.25
N TYR A 172 -13.54 -10.77 -6.13
CA TYR A 172 -14.32 -9.57 -5.87
C TYR A 172 -15.33 -9.72 -4.72
N ASP A 173 -15.62 -10.96 -4.31
CA ASP A 173 -16.54 -11.17 -3.18
C ASP A 173 -15.93 -10.52 -1.94
N HIS A 174 -14.62 -10.30 -1.97
CA HIS A 174 -13.89 -9.70 -0.85
C HIS A 174 -13.84 -8.18 -0.95
N ILE A 175 -14.29 -7.65 -2.08
CA ILE A 175 -14.27 -6.21 -2.32
C ILE A 175 -15.59 -5.51 -2.01
N ASN A 176 -15.55 -4.63 -1.02
CA ASN A 176 -16.71 -3.83 -0.62
C ASN A 176 -16.97 -2.92 -1.82
N ASP A 177 -18.04 -3.18 -2.55
CA ASP A 177 -18.35 -2.40 -3.75
C ASP A 177 -18.46 -0.88 -3.55
N GLN A 178 -18.82 -0.45 -2.34
CA GLN A 178 -18.93 0.97 -2.10
C GLN A 178 -17.69 1.59 -1.47
N ASN A 179 -16.83 0.76 -0.90
CA ASN A 179 -15.58 1.22 -0.31
C ASN A 179 -14.52 0.22 -0.78
N PRO A 180 -14.27 0.18 -2.10
CA PRO A 180 -13.33 -0.69 -2.81
C PRO A 180 -11.88 -0.75 -2.34
N PHE A 181 -11.35 0.38 -1.90
CA PHE A 181 -9.96 0.42 -1.47
C PHE A 181 -9.79 0.55 0.02
N ALA A 182 -10.83 0.14 0.75
CA ALA A 182 -10.83 0.19 2.20
C ALA A 182 -9.70 -0.71 2.71
N LEU A 183 -8.88 -0.17 3.61
CA LEU A 183 -7.78 -0.93 4.18
C LEU A 183 -7.61 -0.58 5.65
N LYS A 184 -7.55 -1.60 6.49
CA LYS A 184 -7.36 -1.38 7.91
C LYS A 184 -5.92 -0.90 8.09
N GLU A 185 -5.59 -0.56 9.33
CA GLU A 185 -4.27 -0.06 9.66
C GLU A 185 -3.24 -1.18 9.57
N GLY A 186 -2.11 -0.87 8.94
CA GLY A 186 -1.04 -1.85 8.84
C GLY A 186 -1.08 -2.90 7.75
N VAL A 187 -1.93 -2.73 6.75
CA VAL A 187 -1.98 -3.72 5.69
C VAL A 187 -0.75 -3.50 4.80
N LEU A 188 -0.10 -4.57 4.45
CA LEU A 188 1.03 -4.51 3.60
C LEU A 188 0.58 -4.58 2.17
N VAL A 189 0.89 -3.59 1.36
CA VAL A 189 0.49 -3.68 -0.03
C VAL A 189 1.72 -4.07 -0.83
N ILE A 190 1.58 -5.14 -1.58
CA ILE A 190 2.65 -5.69 -2.40
C ILE A 190 2.52 -5.25 -3.85
N GLU A 191 3.60 -4.74 -4.41
CA GLU A 191 3.58 -4.32 -5.80
C GLU A 191 4.91 -3.78 -6.27
N GLY B 1 8.72 -5.68 -4.10
CA GLY B 1 7.99 -4.47 -3.78
C GLY B 1 7.03 -4.67 -2.64
N SER B 2 7.28 -4.03 -1.53
CA SER B 2 6.23 -3.84 -0.59
C SER B 2 6.35 -2.67 0.33
N HIS B 3 5.22 -2.17 0.74
CA HIS B 3 5.14 -0.96 1.55
C HIS B 3 3.81 -0.88 2.27
N MET B 4 3.71 0.08 3.19
CA MET B 4 2.50 0.30 3.95
C MET B 4 1.90 1.62 3.49
N MET B 5 0.64 1.84 3.81
CA MET B 5 0.02 3.09 3.43
C MET B 5 -0.51 3.76 4.68
N ILE B 6 -0.20 5.04 4.82
CA ILE B 6 -0.66 5.80 5.96
C ILE B 6 -2.16 6.08 5.76
N THR B 7 -2.94 5.80 6.80
CA THR B 7 -4.37 6.05 6.76
C THR B 7 -4.59 7.19 7.75
N MET B 8 -5.78 7.76 7.80
CA MET B 8 -6.00 8.87 8.73
C MET B 8 -5.84 8.44 10.18
N ASP B 9 -6.10 7.16 10.47
CA ASP B 9 -5.98 6.64 11.83
C ASP B 9 -4.56 6.55 12.36
N ASP B 10 -3.60 6.41 11.45
CA ASP B 10 -2.20 6.32 11.83
C ASP B 10 -1.72 7.64 12.39
N ILE B 11 -2.42 8.72 12.05
CA ILE B 11 -2.05 10.07 12.50
C ILE B 11 -2.61 10.35 13.90
N ILE B 12 -1.74 10.60 14.86
CA ILE B 12 -2.18 10.89 16.21
C ILE B 12 -2.72 12.31 16.31
N ARG B 13 -3.50 12.55 17.35
CA ARG B 13 -4.11 13.86 17.53
C ARG B 13 -3.60 14.65 18.72
N GLU B 14 -3.97 15.93 18.72
CA GLU B 14 -3.60 16.85 19.78
C GLU B 14 -3.99 16.22 21.11
N GLY B 15 -3.08 16.28 22.09
CA GLY B 15 -3.36 15.67 23.37
C GLY B 15 -2.37 14.56 23.62
N ASN B 16 -1.94 13.91 22.54
CA ASN B 16 -0.95 12.84 22.61
C ASN B 16 0.42 13.43 22.93
N PRO B 17 1.07 12.94 23.99
CA PRO B 17 2.39 13.45 24.40
C PRO B 17 3.50 13.43 23.33
N THR B 18 3.37 12.55 22.35
CA THR B 18 4.41 12.47 21.32
C THR B 18 4.53 13.76 20.52
N LEU B 19 3.45 14.52 20.40
CA LEU B 19 3.47 15.77 19.65
C LEU B 19 4.26 16.84 20.40
N ARG B 20 4.49 16.63 21.69
CA ARG B 20 5.23 17.62 22.49
C ARG B 20 6.67 17.26 22.81
N GLU B 21 7.14 16.13 22.31
CA GLU B 21 8.53 15.75 22.55
C GLU B 21 9.41 16.33 21.44
N VAL B 22 10.70 16.43 21.71
CA VAL B 22 11.63 16.90 20.70
C VAL B 22 12.05 15.62 19.97
N ALA B 23 11.84 15.58 18.66
CA ALA B 23 12.18 14.39 17.88
C ALA B 23 13.67 14.09 17.91
N LYS B 24 14.02 12.81 17.73
CA LYS B 24 15.40 12.37 17.73
C LYS B 24 16.05 12.41 16.36
N GLU B 25 17.28 12.90 16.33
CA GLU B 25 18.05 12.97 15.10
C GLU B 25 18.16 11.54 14.58
N VAL B 26 18.16 11.34 13.27
CA VAL B 26 18.29 9.99 12.72
C VAL B 26 19.75 9.71 12.37
N SER B 27 20.10 8.44 12.32
CA SER B 27 21.47 8.03 12.03
C SER B 27 21.74 7.95 10.55
N LEU B 28 23.01 8.04 10.18
CA LEU B 28 23.41 7.95 8.78
C LEU B 28 24.58 6.96 8.65
N PRO B 29 24.60 6.19 7.55
CA PRO B 29 23.59 6.24 6.50
C PRO B 29 22.23 5.80 7.04
N LEU B 30 21.16 6.24 6.38
CA LEU B 30 19.79 5.94 6.75
C LEU B 30 19.40 4.46 6.81
N SER B 31 18.70 4.07 7.87
CA SER B 31 18.25 2.70 8.01
C SER B 31 17.22 2.48 6.92
N GLU B 32 16.82 1.27 6.66
CA GLU B 32 15.87 1.06 5.63
C GLU B 32 14.47 1.26 6.13
N GLU B 33 14.31 1.33 7.43
CA GLU B 33 13.05 1.67 8.07
C GLU B 33 12.81 3.17 7.90
N ASP B 34 13.86 3.96 8.10
CA ASP B 34 13.76 5.42 7.97
C ASP B 34 13.49 5.85 6.53
N ILE B 35 14.02 5.10 5.57
CA ILE B 35 13.82 5.41 4.16
C ILE B 35 12.39 5.03 3.77
N SER B 36 11.91 3.91 4.29
CA SER B 36 10.55 3.46 3.98
C SER B 36 9.52 4.42 4.52
N LEU B 37 9.75 4.88 5.74
CA LEU B 37 8.84 5.82 6.39
C LEU B 37 8.72 7.09 5.54
N GLY B 38 9.88 7.58 5.09
CA GLY B 38 9.94 8.78 4.28
C GLY B 38 9.08 8.79 3.03
N LYS B 39 9.26 7.82 2.16
CA LYS B 39 8.48 7.84 0.93
C LYS B 39 7.04 7.40 1.18
N GLU B 40 6.79 6.93 2.40
CA GLU B 40 5.46 6.51 2.80
C GLU B 40 4.73 7.78 3.18
N MET B 41 5.46 8.67 3.82
CA MET B 41 4.95 9.96 4.25
C MET B 41 4.68 10.86 3.04
N LEU B 42 5.64 10.87 2.11
CA LEU B 42 5.53 11.68 0.91
C LEU B 42 4.38 11.18 0.03
N GLU B 43 4.24 9.85 -0.03
CA GLU B 43 3.17 9.27 -0.82
C GLU B 43 1.81 9.62 -0.21
N PHE B 44 1.76 9.71 1.11
CA PHE B 44 0.52 10.09 1.80
C PHE B 44 0.06 11.46 1.31
N LEU B 45 0.99 12.42 1.33
CA LEU B 45 0.69 13.77 0.91
C LEU B 45 0.22 13.80 -0.54
N LYS B 46 0.93 13.13 -1.43
CA LYS B 46 0.53 13.12 -2.84
C LYS B 46 -0.85 12.48 -3.00
N ASN B 47 -1.11 11.40 -2.26
CA ASN B 47 -2.40 10.74 -2.34
C ASN B 47 -3.52 11.62 -1.82
N SER B 48 -3.25 12.42 -0.79
CA SER B 48 -4.30 13.27 -0.22
C SER B 48 -4.64 14.46 -1.09
N GLN B 49 -3.78 14.78 -2.05
CA GLN B 49 -4.02 15.92 -2.92
C GLN B 49 -4.64 15.51 -4.25
N ASP B 50 -4.72 14.20 -4.50
CA ASP B 50 -5.33 13.72 -5.71
C ASP B 50 -6.77 13.43 -5.41
N PRO B 51 -7.70 14.14 -6.07
CA PRO B 51 -9.11 13.89 -5.80
C PRO B 51 -9.58 12.44 -5.90
N ILE B 52 -9.17 11.73 -6.93
CA ILE B 52 -9.62 10.35 -7.04
C ILE B 52 -9.09 9.50 -5.89
N LYS B 53 -7.78 9.54 -5.67
CA LYS B 53 -7.19 8.75 -4.60
C LYS B 53 -7.57 9.18 -3.19
N ALA B 54 -7.68 10.49 -3.01
CA ALA B 54 -8.06 11.04 -1.71
C ALA B 54 -9.46 10.56 -1.35
N GLU B 55 -10.32 10.52 -2.36
CA GLU B 55 -11.70 10.08 -2.20
C GLU B 55 -11.85 8.57 -1.96
N GLU B 56 -11.05 7.77 -2.67
CA GLU B 56 -11.15 6.31 -2.52
C GLU B 56 -10.47 5.81 -1.25
N LEU B 57 -9.46 6.54 -0.78
CA LEU B 57 -8.73 6.16 0.42
C LEU B 57 -9.20 6.92 1.65
N HIS B 58 -10.21 7.79 1.47
CA HIS B 58 -10.75 8.61 2.56
C HIS B 58 -9.66 9.38 3.28
N LEU B 59 -8.94 10.22 2.54
CA LEU B 59 -7.87 11.00 3.12
C LEU B 59 -8.16 12.50 3.13
N ARG B 60 -7.69 13.19 4.17
CA ARG B 60 -7.85 14.65 4.25
C ARG B 60 -6.58 15.22 3.64
N GLY B 61 -6.73 16.24 2.80
CA GLY B 61 -5.56 16.82 2.16
C GLY B 61 -4.53 17.45 3.08
N GLY B 62 -3.26 17.24 2.75
CA GLY B 62 -2.17 17.82 3.53
C GLY B 62 -1.01 18.16 2.60
N VAL B 63 -0.18 19.13 2.97
CA VAL B 63 0.97 19.49 2.13
C VAL B 63 2.29 19.26 2.87
N GLY B 64 2.16 18.90 4.14
CA GLY B 64 3.32 18.64 4.97
C GLY B 64 2.98 17.60 6.01
N LEU B 65 3.99 16.91 6.52
CA LEU B 65 3.77 15.91 7.54
C LEU B 65 5.08 15.63 8.24
N ALA B 66 5.03 15.48 9.55
CA ALA B 66 6.23 15.20 10.36
C ALA B 66 6.07 13.81 10.98
N ALA B 67 7.16 13.07 11.08
CA ALA B 67 7.13 11.72 11.66
C ALA B 67 6.43 11.66 13.02
N PRO B 68 6.56 12.71 13.85
CA PRO B 68 5.91 12.69 15.16
C PRO B 68 4.39 12.57 15.08
N GLN B 69 3.81 12.91 13.94
CA GLN B 69 2.37 12.84 13.74
C GLN B 69 1.91 11.40 13.54
N LEU B 70 2.89 10.55 13.23
CA LEU B 70 2.65 9.12 13.01
C LEU B 70 3.06 8.39 14.30
N ASP B 71 3.40 9.16 15.32
CA ASP B 71 3.81 8.66 16.62
C ASP B 71 5.25 8.14 16.61
N ILE B 72 6.06 8.67 15.70
CA ILE B 72 7.46 8.25 15.61
C ILE B 72 8.33 9.45 15.89
N SER B 73 8.90 9.50 17.09
CA SER B 73 9.73 10.62 17.49
C SER B 73 11.06 10.76 16.75
N LYS B 74 11.01 10.90 15.44
CA LYS B 74 12.22 11.07 14.64
C LYS B 74 12.19 12.33 13.79
N ARG B 75 13.33 13.01 13.69
CA ARG B 75 13.44 14.24 12.93
C ARG B 75 13.36 14.00 11.43
N ILE B 76 12.16 13.65 10.97
CA ILE B 76 11.91 13.40 9.57
C ILE B 76 10.62 14.11 9.15
N ILE B 77 10.68 14.89 8.07
CA ILE B 77 9.49 15.58 7.58
C ILE B 77 9.35 15.38 6.08
N ALA B 78 8.12 15.51 5.60
CA ALA B 78 7.83 15.36 4.19
C ALA B 78 6.98 16.54 3.76
N VAL B 79 7.19 17.01 2.53
CA VAL B 79 6.42 18.12 2.00
C VAL B 79 6.16 17.97 0.51
N HIS B 80 4.91 18.21 0.13
CA HIS B 80 4.51 18.14 -1.26
C HIS B 80 3.65 19.37 -1.49
N VAL B 81 4.27 20.46 -1.92
CA VAL B 81 3.56 21.70 -2.17
C VAL B 81 3.31 21.92 -3.65
N PRO B 82 2.07 21.69 -4.10
CA PRO B 82 1.73 21.88 -5.51
C PRO B 82 1.81 23.35 -5.87
N SER B 83 2.11 23.65 -7.14
CA SER B 83 2.22 25.04 -7.58
C SER B 83 0.83 25.72 -7.66
N SER B 92 6.40 21.60 -7.39
CA SER B 92 7.31 22.70 -7.14
C SER B 92 8.23 22.41 -5.95
N LEU B 93 7.73 21.66 -4.97
CA LEU B 93 8.50 21.27 -3.80
C LEU B 93 7.89 19.97 -3.30
N SER B 94 8.59 18.88 -3.56
CA SER B 94 8.13 17.55 -3.16
C SER B 94 9.37 16.78 -2.73
N THR B 95 9.50 16.52 -1.44
CA THR B 95 10.65 15.78 -0.94
C THR B 95 10.49 15.38 0.52
N VAL B 96 11.39 14.52 0.97
CA VAL B 96 11.40 14.09 2.35
C VAL B 96 12.71 14.64 2.89
N MET B 97 12.68 15.25 4.06
CA MET B 97 13.88 15.84 4.65
C MET B 97 14.27 15.15 5.96
N TYR B 98 15.52 14.67 6.01
CA TYR B 98 16.02 14.01 7.21
C TYR B 98 16.92 14.97 7.96
N ASN B 99 16.65 15.11 9.26
CA ASN B 99 17.39 16.01 10.15
C ASN B 99 17.42 17.46 9.62
N PRO B 100 16.26 18.00 9.21
CA PRO B 100 16.20 19.37 8.69
C PRO B 100 16.60 20.42 9.72
N LYS B 101 17.28 21.47 9.25
CA LYS B 101 17.72 22.54 10.14
C LYS B 101 17.62 23.90 9.42
N ILE B 102 17.04 24.88 10.10
CA ILE B 102 16.93 26.21 9.51
C ILE B 102 18.21 26.97 9.85
N LEU B 103 19.02 27.24 8.83
CA LEU B 103 20.29 27.92 9.02
C LEU B 103 20.15 29.43 9.07
N SER B 104 19.18 29.95 8.33
CA SER B 104 18.97 31.39 8.28
C SER B 104 17.53 31.74 7.94
N HIS B 105 17.12 32.97 8.27
CA HIS B 105 15.78 33.44 7.97
C HIS B 105 15.76 34.94 7.75
N SER B 106 14.84 35.38 6.90
CA SER B 106 14.67 36.79 6.58
C SER B 106 14.09 37.62 7.71
N VAL B 107 14.28 38.93 7.63
CA VAL B 107 13.77 39.88 8.60
C VAL B 107 12.27 39.93 8.42
N GLN B 108 11.85 39.93 7.17
CA GLN B 108 10.44 39.99 6.84
C GLN B 108 9.64 38.76 7.26
N ASP B 109 8.44 39.00 7.75
CA ASP B 109 7.57 37.91 8.18
C ASP B 109 6.40 37.75 7.21
N ALA B 110 5.70 36.63 7.33
CA ALA B 110 4.55 36.36 6.49
C ALA B 110 3.60 35.44 7.25
N CYS B 111 2.39 35.30 6.74
CA CYS B 111 1.42 34.41 7.37
C CYS B 111 0.38 34.03 6.34
N LEU B 112 -0.31 32.92 6.59
CA LEU B 112 -1.38 32.46 5.71
C LEU B 112 -2.69 33.09 6.16
N GLY B 113 -3.36 33.80 5.26
CA GLY B 113 -4.61 34.43 5.60
C GLY B 113 -5.68 33.45 6.07
N GLU B 114 -5.83 32.34 5.35
CA GLU B 114 -6.83 31.32 5.69
C GLU B 114 -6.44 30.57 6.94
N GLY B 115 -5.23 30.84 7.45
CA GLY B 115 -4.75 30.16 8.62
C GLY B 115 -4.08 28.85 8.27
N GLU B 116 -3.35 28.29 9.22
CA GLU B 116 -2.67 27.03 8.97
C GLU B 116 -3.53 25.84 9.36
N GLY B 117 -3.27 24.71 8.73
CA GLY B 117 -4.01 23.49 9.03
C GLY B 117 -3.09 22.51 9.75
N CYS B 118 -3.64 21.39 10.18
CA CYS B 118 -2.86 20.38 10.87
C CYS B 118 -3.68 19.09 11.00
N LEU B 119 -3.32 18.08 10.22
CA LEU B 119 -4.02 16.80 10.25
C LEU B 119 -4.20 16.29 11.68
N SER B 120 -3.35 16.76 12.58
CA SER B 120 -3.41 16.35 13.98
C SER B 120 -4.40 17.14 14.83
N VAL B 121 -4.78 18.33 14.36
CA VAL B 121 -5.72 19.17 15.10
C VAL B 121 -7.09 19.10 14.45
N ASP B 122 -8.09 18.69 15.23
CA ASP B 122 -9.44 18.55 14.71
C ASP B 122 -10.38 19.70 15.07
N ARG B 123 -9.89 20.61 15.89
CA ARG B 123 -10.68 21.77 16.28
C ARG B 123 -10.20 22.92 15.41
N GLU B 124 -11.01 23.96 15.26
CA GLU B 124 -10.61 25.11 14.46
C GLU B 124 -9.98 26.09 15.45
N VAL B 125 -8.91 26.75 15.01
CA VAL B 125 -8.22 27.71 15.85
C VAL B 125 -8.01 28.99 15.06
N PRO B 126 -8.83 30.02 15.33
CA PRO B 126 -8.70 31.29 14.60
C PRO B 126 -7.43 32.06 14.89
N GLY B 127 -7.02 32.88 13.92
CA GLY B 127 -5.84 33.70 14.10
C GLY B 127 -4.82 33.58 12.97
N TYR B 128 -3.71 34.27 13.15
CA TYR B 128 -2.61 34.28 12.20
C TYR B 128 -1.38 33.76 12.91
N VAL B 129 -0.59 32.97 12.21
CA VAL B 129 0.65 32.46 12.74
C VAL B 129 1.70 33.20 11.93
N VAL B 130 2.40 34.12 12.56
CA VAL B 130 3.44 34.88 11.89
C VAL B 130 4.73 34.08 11.83
N ARG B 131 5.22 33.87 10.61
CA ARG B 131 6.44 33.11 10.39
C ARG B 131 7.44 33.99 9.65
N HIS B 132 8.62 33.44 9.40
CA HIS B 132 9.65 34.15 8.65
C HIS B 132 9.25 34.00 7.21
N ALA B 133 9.31 35.09 6.45
CA ALA B 133 8.95 35.06 5.04
C ALA B 133 9.82 34.10 4.27
N LYS B 134 11.11 34.11 4.57
CA LYS B 134 12.04 33.22 3.88
C LYS B 134 12.97 32.54 4.85
N ILE B 135 13.36 31.33 4.51
CA ILE B 135 14.27 30.56 5.34
C ILE B 135 15.22 29.78 4.45
N THR B 136 16.40 29.47 4.98
CA THR B 136 17.35 28.65 4.24
C THR B 136 17.41 27.38 5.07
N VAL B 137 17.14 26.24 4.45
CA VAL B 137 17.16 24.98 5.17
C VAL B 137 18.20 23.99 4.64
N SER B 138 18.80 23.25 5.56
CA SER B 138 19.78 22.23 5.19
C SER B 138 19.11 20.91 5.60
N TYR B 139 19.35 19.85 4.86
CA TYR B 139 18.74 18.56 5.17
C TYR B 139 19.37 17.48 4.32
N TYR B 140 19.06 16.22 4.65
CA TYR B 140 19.56 15.08 3.91
C TYR B 140 18.37 14.40 3.27
N ASP B 141 18.56 13.83 2.07
CA ASP B 141 17.47 13.12 1.40
C ASP B 141 17.60 11.61 1.64
N MET B 142 16.70 10.82 1.07
CA MET B 142 16.73 9.38 1.25
C MET B 142 18.06 8.72 0.86
N ASN B 143 18.83 9.37 0.03
CA ASN B 143 20.11 8.86 -0.37
C ASN B 143 21.24 9.40 0.46
N GLY B 144 20.95 9.96 1.60
CA GLY B 144 21.97 10.53 2.45
C GLY B 144 22.63 11.78 1.90
N GLU B 145 22.29 12.16 0.67
CA GLU B 145 22.87 13.35 0.07
C GLU B 145 22.39 14.61 0.81
N LYS B 146 23.31 15.54 1.05
CA LYS B 146 22.97 16.77 1.76
C LYS B 146 22.54 17.87 0.80
N HIS B 147 21.54 18.64 1.22
CA HIS B 147 21.00 19.72 0.41
C HIS B 147 20.88 21.04 1.17
N LYS B 148 20.74 22.11 0.40
CA LYS B 148 20.59 23.45 0.97
C LYS B 148 19.66 24.22 0.03
N ILE B 149 18.53 24.67 0.55
CA ILE B 149 17.59 25.40 -0.30
C ILE B 149 17.01 26.63 0.38
N ARG B 150 16.65 27.60 -0.44
CA ARG B 150 16.05 28.83 0.04
C ARG B 150 14.56 28.75 -0.29
N LEU B 151 13.74 28.91 0.74
CA LEU B 151 12.29 28.83 0.59
C LEU B 151 11.65 30.15 0.96
N LYS B 152 10.59 30.49 0.25
CA LYS B 152 9.86 31.72 0.50
C LYS B 152 8.36 31.47 0.46
N ASN B 153 7.63 32.34 1.14
CA ASN B 153 6.17 32.26 1.17
C ASN B 153 5.55 30.95 1.62
N TYR B 154 4.60 30.44 0.85
CA TYR B 154 3.92 29.21 1.21
C TYR B 154 4.88 28.10 1.60
N GLU B 155 5.84 27.82 0.73
CA GLU B 155 6.82 26.77 0.98
C GLU B 155 7.62 27.04 2.25
N SER B 156 7.92 28.31 2.52
CA SER B 156 8.67 28.68 3.70
C SER B 156 7.84 28.40 4.97
N ILE B 157 6.54 28.67 4.88
CA ILE B 157 5.63 28.47 6.00
C ILE B 157 5.35 26.99 6.30
N VAL B 158 5.18 26.19 5.24
CA VAL B 158 4.91 24.78 5.41
C VAL B 158 6.08 24.10 6.12
N VAL B 159 7.29 24.38 5.67
CA VAL B 159 8.46 23.78 6.28
C VAL B 159 8.62 24.21 7.74
N GLN B 160 8.39 25.48 8.04
CA GLN B 160 8.50 25.95 9.42
C GLN B 160 7.48 25.21 10.30
N HIS B 161 6.30 25.00 9.76
CA HIS B 161 5.23 24.32 10.47
C HIS B 161 5.63 22.87 10.78
N GLU B 162 6.30 22.22 9.83
CA GLU B 162 6.72 20.85 10.00
C GLU B 162 7.94 20.71 10.89
N ILE B 163 8.77 21.74 10.96
CA ILE B 163 9.95 21.69 11.81
C ILE B 163 9.54 21.95 13.24
N ASP B 164 8.50 22.74 13.44
CA ASP B 164 8.02 22.99 14.79
C ASP B 164 7.59 21.64 15.35
N HIS B 165 7.02 20.81 14.49
CA HIS B 165 6.56 19.49 14.89
C HIS B 165 7.65 18.62 15.50
N ILE B 166 8.85 18.61 14.90
CA ILE B 166 9.91 17.78 15.45
C ILE B 166 10.53 18.46 16.67
N ASN B 167 9.95 19.58 17.10
CA ASN B 167 10.46 20.28 18.28
C ASN B 167 9.35 20.40 19.33
N GLY B 168 8.27 19.64 19.14
CA GLY B 168 7.17 19.66 20.09
C GLY B 168 6.28 20.90 20.07
N VAL B 169 6.40 21.71 19.02
CA VAL B 169 5.62 22.94 18.89
C VAL B 169 4.44 22.78 17.93
N MET B 170 3.27 23.28 18.35
CA MET B 170 2.05 23.23 17.54
C MET B 170 1.74 24.64 17.02
N PHE B 171 1.13 24.73 15.83
CA PHE B 171 0.87 26.03 15.24
C PHE B 171 0.17 27.03 16.16
N TYR B 172 -0.85 26.59 16.91
CA TYR B 172 -1.54 27.51 17.79
C TYR B 172 -0.68 28.07 18.92
N ASP B 173 0.46 27.46 19.17
CA ASP B 173 1.35 27.97 20.21
C ASP B 173 1.76 29.39 19.79
N HIS B 174 1.84 29.62 18.48
CA HIS B 174 2.23 30.91 17.93
C HIS B 174 1.09 31.94 17.93
N ILE B 175 -0.12 31.50 18.30
CA ILE B 175 -1.28 32.38 18.31
C ILE B 175 -1.72 32.79 19.72
N ASN B 176 -1.91 34.09 19.90
CA ASN B 176 -2.35 34.68 21.16
C ASN B 176 -3.87 34.64 21.16
N ASP B 177 -4.44 33.77 22.00
CA ASP B 177 -5.88 33.59 22.08
C ASP B 177 -6.65 34.81 22.58
N GLN B 178 -5.91 35.89 22.85
CA GLN B 178 -6.52 37.14 23.31
C GLN B 178 -6.48 38.20 22.21
N ASN B 179 -5.62 38.00 21.21
CA ASN B 179 -5.44 38.94 20.09
C ASN B 179 -5.00 38.08 18.91
N PRO B 180 -5.86 37.13 18.51
CA PRO B 180 -5.60 36.19 17.41
C PRO B 180 -5.11 36.74 16.08
N PHE B 181 -5.60 37.90 15.66
CA PHE B 181 -5.20 38.46 14.39
C PHE B 181 -4.32 39.66 14.46
N ALA B 182 -3.50 39.76 15.52
CA ALA B 182 -2.59 40.88 15.70
C ALA B 182 -1.42 40.75 14.74
N LEU B 183 -1.20 41.77 13.92
CA LEU B 183 -0.09 41.76 12.97
C LEU B 183 0.70 43.05 13.11
N LYS B 184 2.01 42.92 12.98
CA LYS B 184 2.90 44.05 13.05
C LYS B 184 2.86 44.67 11.67
N GLU B 185 3.42 45.85 11.52
CA GLU B 185 3.43 46.49 10.20
C GLU B 185 4.28 45.64 9.27
N GLY B 186 3.92 45.64 7.99
CA GLY B 186 4.68 44.93 6.98
C GLY B 186 4.71 43.41 6.84
N VAL B 187 3.90 42.66 7.58
CA VAL B 187 3.95 41.22 7.39
C VAL B 187 3.17 40.94 6.13
N LEU B 188 3.59 39.93 5.39
CA LEU B 188 2.95 39.46 4.20
C LEU B 188 1.87 38.50 4.50
N VAL B 189 0.72 38.67 3.95
CA VAL B 189 -0.29 37.65 4.18
C VAL B 189 -0.50 36.90 2.88
N ILE B 190 -0.24 35.59 2.95
CA ILE B 190 -0.34 34.68 1.81
C ILE B 190 -1.76 34.12 1.66
N GLU B 191 -2.32 34.27 0.47
CA GLU B 191 -3.66 33.78 0.14
C GLU B 191 -4.05 34.30 -1.22
N MET C 1 -5.41 -16.49 -12.82
CA MET C 1 -5.10 -15.13 -12.38
C MET C 1 -4.56 -14.19 -13.47
N ALA C 2 -3.60 -13.33 -13.09
CA ALA C 2 -3.03 -12.39 -14.06
C ALA C 2 -1.51 -12.34 -13.99
N SER C 3 -0.93 -11.88 -15.11
CA SER C 3 0.51 -11.73 -15.26
C SER C 3 1.29 -12.83 -14.53
N MET D 1 -1.16 19.31 7.28
CA MET D 1 -1.85 20.60 7.28
C MET D 1 -3.18 20.53 6.50
N ALA D 2 -3.53 21.60 5.76
CA ALA D 2 -4.75 21.63 4.95
C ALA D 2 -4.21 21.60 3.52
N SER D 3 -5.06 21.94 2.55
CA SER D 3 -4.69 21.96 1.13
C SER D 3 -3.84 20.79 0.75
FE FE E . -9.11 -16.50 -10.38
NA NA F . -9.55 -30.07 -19.64
FE FE G . 0.82 19.99 11.35
NA NA H . 17.24 6.45 13.34
NA NA I . 4.04 47.97 14.30
NA NA J . -2.40 20.91 23.23
NA NA K . 18.06 35.82 5.46
#